data_6VEH
#
_entry.id   6VEH
#
_cell.length_a   88.182
_cell.length_b   88.182
_cell.length_c   65.244
_cell.angle_alpha   90.000
_cell.angle_beta   90.000
_cell.angle_gamma   120.000
#
_symmetry.space_group_name_H-M   'H 3'
#
loop_
_entity.id
_entity.type
_entity.pdbx_description
1 polymer 'HEAT repeat domain-containing protein'
2 water water
#
_entity_poly.entity_id   1
_entity_poly.type   'polypeptide(L)'
_entity_poly.pdbx_seq_one_letter_code
;(FME)TDPMKVILYIAMLELEKYIMRAAAAYALGKIGDERAVEPLIKALKDEDAIVRAAAADALGQIGDERAVEPLIKAL
KDEDGAVRVSAAVALGQIGDERAVEPLIKALKDEDAVVRVAAAIALGLIGDERAVEPLIKALKDEKGKVREAAALALGAI
GGERVRAAMEKLAETGTGFARKVAVNYLETHKLEHHHHHH
;
_entity_poly.pdbx_strand_id   A
#
# COMPACT_ATOMS: atom_id res chain seq x y z
N THR A 2 22.76 18.21 -8.13
CA THR A 2 21.69 18.69 -7.26
C THR A 2 20.46 17.81 -7.43
N ASP A 3 19.62 17.75 -6.39
CA ASP A 3 18.42 16.94 -6.48
C ASP A 3 17.48 17.40 -7.60
N PRO A 4 17.33 18.69 -7.88
CA PRO A 4 16.53 19.08 -9.06
C PRO A 4 17.03 18.46 -10.35
N MET A 5 18.35 18.39 -10.56
CA MET A 5 18.89 17.74 -11.74
C MET A 5 18.47 16.28 -11.80
N LYS A 6 18.67 15.55 -10.70
CA LYS A 6 18.29 14.15 -10.65
C LYS A 6 16.82 13.96 -11.05
N VAL A 7 15.94 14.79 -10.49
CA VAL A 7 14.51 14.63 -10.73
C VAL A 7 14.22 14.78 -12.22
N ILE A 8 14.75 15.82 -12.86
CA ILE A 8 14.52 16.03 -14.28
C ILE A 8 15.08 14.88 -15.09
N LEU A 9 16.27 14.39 -14.70
CA LEU A 9 16.90 13.29 -15.42
C LEU A 9 16.10 12.01 -15.28
N TYR A 10 15.73 11.66 -14.05
CA TYR A 10 15.01 10.40 -13.84
C TYR A 10 13.57 10.47 -14.34
N ILE A 11 12.97 11.66 -14.33
CA ILE A 11 11.67 11.82 -14.98
C ILE A 11 11.80 11.57 -16.48
N ALA A 12 12.84 12.13 -17.10
CA ALA A 12 13.08 11.88 -18.51
C ALA A 12 13.34 10.41 -18.78
N MET A 13 13.99 9.71 -17.85
CA MET A 13 14.29 8.30 -18.04
C MET A 13 13.06 7.41 -17.93
N LEU A 14 11.91 7.95 -17.52
CA LEU A 14 10.68 7.18 -17.56
C LEU A 14 10.22 6.88 -18.98
N GLU A 15 10.92 7.40 -19.99
CA GLU A 15 10.56 7.16 -21.38
C GLU A 15 11.58 6.29 -22.12
N LEU A 16 12.59 5.78 -21.41
CA LEU A 16 13.54 4.88 -22.03
C LEU A 16 12.87 3.56 -22.43
N GLU A 17 13.41 2.94 -23.47
CA GLU A 17 12.78 1.74 -24.02
C GLU A 17 12.87 0.56 -23.06
N LYS A 18 13.97 0.43 -22.33
CA LYS A 18 14.16 -0.68 -21.43
C LYS A 18 13.24 -0.53 -20.22
N TYR A 19 12.38 -1.52 -19.98
CA TYR A 19 11.49 -1.45 -18.83
C TYR A 19 12.28 -1.39 -17.52
N ILE A 20 13.46 -2.01 -17.49
CA ILE A 20 14.27 -2.00 -16.27
C ILE A 20 14.72 -0.59 -15.95
N MET A 21 15.18 0.16 -16.96
CA MET A 21 15.62 1.53 -16.73
C MET A 21 14.45 2.41 -16.28
N ARG A 22 13.26 2.17 -16.83
CA ARG A 22 12.10 2.94 -16.39
C ARG A 22 11.76 2.65 -14.94
N ALA A 23 11.82 1.37 -14.54
CA ALA A 23 11.53 1.02 -13.15
C ALA A 23 12.60 1.57 -12.21
N ALA A 24 13.87 1.49 -12.62
CA ALA A 24 14.94 2.06 -11.81
C ALA A 24 14.77 3.56 -11.66
N ALA A 25 14.31 4.23 -12.72
CA ALA A 25 14.04 5.66 -12.64
C ALA A 25 12.90 5.93 -11.68
N ALA A 26 11.78 5.22 -11.83
CA ALA A 26 10.65 5.39 -10.93
C ALA A 26 11.06 5.18 -9.49
N TYR A 27 11.90 4.17 -9.24
CA TYR A 27 12.38 3.92 -7.88
C TYR A 27 13.24 5.07 -7.37
N ALA A 28 14.11 5.60 -8.24
CA ALA A 28 14.96 6.72 -7.85
C ALA A 28 14.13 7.92 -7.45
N LEU A 29 13.17 8.32 -8.31
CA LEU A 29 12.29 9.43 -7.97
C LEU A 29 11.58 9.20 -6.65
N GLY A 30 11.23 7.95 -6.33
CA GLY A 30 10.62 7.67 -5.05
C GLY A 30 11.53 7.99 -3.88
N LYS A 31 12.82 7.66 -4.03
CA LYS A 31 13.77 7.92 -2.95
C LYS A 31 13.99 9.41 -2.74
N ILE A 32 14.03 10.18 -3.84
CA ILE A 32 14.27 11.62 -3.71
C ILE A 32 13.08 12.31 -3.05
N GLY A 33 11.86 11.91 -3.41
CA GLY A 33 10.67 12.46 -2.80
C GLY A 33 10.22 13.80 -3.36
N ASP A 34 10.78 14.23 -4.49
CA ASP A 34 10.40 15.50 -5.10
C ASP A 34 9.05 15.35 -5.78
N GLU A 35 8.12 16.27 -5.47
CA GLU A 35 6.76 16.14 -5.97
C GLU A 35 6.63 16.44 -7.45
N ARG A 36 7.70 16.91 -8.10
CA ARG A 36 7.67 17.08 -9.55
C ARG A 36 7.47 15.74 -10.27
N ALA A 37 7.75 14.62 -9.59
CA ALA A 37 7.65 13.30 -10.19
C ALA A 37 6.27 12.67 -10.09
N VAL A 38 5.34 13.32 -9.40
CA VAL A 38 4.07 12.66 -9.07
C VAL A 38 3.25 12.40 -10.33
N GLU A 39 2.95 13.46 -11.09
CA GLU A 39 2.17 13.27 -12.31
C GLU A 39 2.87 12.35 -13.29
N PRO A 40 4.18 12.51 -13.55
CA PRO A 40 4.87 11.53 -14.40
C PRO A 40 4.72 10.11 -13.92
N LEU A 41 4.84 9.87 -12.61
CA LEU A 41 4.69 8.52 -12.09
C LEU A 41 3.24 8.05 -12.16
N ILE A 42 2.28 8.98 -12.00
CA ILE A 42 0.88 8.65 -12.22
C ILE A 42 0.67 8.15 -13.65
N LYS A 43 1.34 8.79 -14.62
CA LYS A 43 1.32 8.28 -15.98
C LYS A 43 1.99 6.92 -16.06
N ALA A 44 3.10 6.74 -15.34
CA ALA A 44 3.81 5.47 -15.35
C ALA A 44 2.96 4.34 -14.80
N LEU A 45 1.87 4.64 -14.09
CA LEU A 45 0.97 3.61 -13.62
C LEU A 45 0.25 2.89 -14.74
N LYS A 46 0.32 3.41 -15.96
CA LYS A 46 -0.25 2.76 -17.15
C LYS A 46 0.83 2.17 -18.05
N ASP A 47 2.06 2.08 -17.57
CA ASP A 47 3.14 1.51 -18.37
C ASP A 47 2.78 0.09 -18.81
N GLU A 48 3.27 -0.29 -19.99
CA GLU A 48 2.96 -1.62 -20.51
C GLU A 48 3.51 -2.72 -19.62
N ASP A 49 4.66 -2.49 -18.99
CA ASP A 49 5.33 -3.51 -18.20
C ASP A 49 4.88 -3.44 -16.75
N ALA A 50 4.44 -4.58 -16.21
CA ALA A 50 3.96 -4.61 -14.84
C ALA A 50 5.04 -4.19 -13.86
N ILE A 51 6.30 -4.52 -14.14
CA ILE A 51 7.38 -4.13 -13.23
C ILE A 51 7.46 -2.62 -13.13
N VAL A 52 7.25 -1.92 -14.25
CA VAL A 52 7.26 -0.46 -14.21
C VAL A 52 6.08 0.06 -13.41
N ARG A 53 4.90 -0.54 -13.59
CA ARG A 53 3.72 -0.08 -12.87
C ARG A 53 3.88 -0.27 -11.37
N ALA A 54 4.47 -1.39 -10.95
CA ALA A 54 4.68 -1.62 -9.53
C ALA A 54 5.69 -0.62 -8.96
N ALA A 55 6.76 -0.34 -9.71
CA ALA A 55 7.75 0.62 -9.25
C ALA A 55 7.15 2.03 -9.14
N ALA A 56 6.39 2.45 -10.15
CA ALA A 56 5.76 3.77 -10.09
C ALA A 56 4.81 3.88 -8.90
N ALA A 57 4.01 2.85 -8.66
CA ALA A 57 3.09 2.86 -7.52
C ALA A 57 3.87 2.90 -6.21
N ASP A 58 4.91 2.08 -6.09
CA ASP A 58 5.71 2.08 -4.87
C ASP A 58 6.36 3.45 -4.65
N ALA A 59 6.85 4.07 -5.72
CA ALA A 59 7.48 5.38 -5.59
C ALA A 59 6.46 6.44 -5.14
N LEU A 60 5.25 6.39 -5.70
CA LEU A 60 4.23 7.35 -5.30
C LEU A 60 3.90 7.21 -3.82
N GLY A 61 3.92 5.99 -3.30
CA GLY A 61 3.72 5.81 -1.87
C GLY A 61 4.80 6.49 -1.06
N GLN A 62 6.06 6.42 -1.51
CA GLN A 62 7.14 7.08 -0.81
C GLN A 62 6.94 8.59 -0.79
N ILE A 63 6.58 9.17 -1.95
CA ILE A 63 6.41 10.62 -2.04
C ILE A 63 5.25 11.08 -1.15
N GLY A 64 4.20 10.27 -1.03
CA GLY A 64 3.10 10.60 -0.15
C GLY A 64 2.24 11.75 -0.61
N ASP A 65 2.14 11.96 -1.91
CA ASP A 65 1.33 13.04 -2.46
C ASP A 65 -0.07 12.51 -2.74
N GLU A 66 -1.08 13.17 -2.16
CA GLU A 66 -2.46 12.69 -2.25
C GLU A 66 -2.99 12.67 -3.67
N ARG A 67 -2.31 13.34 -4.62
CA ARG A 67 -2.76 13.31 -6.01
C ARG A 67 -2.79 11.89 -6.58
N ALA A 68 -2.04 10.97 -6.00
CA ALA A 68 -1.93 9.60 -6.51
C ALA A 68 -3.00 8.67 -5.96
N VAL A 69 -3.94 9.17 -5.16
CA VAL A 69 -4.91 8.30 -4.51
C VAL A 69 -5.82 7.64 -5.55
N GLU A 70 -6.54 8.46 -6.33
CA GLU A 70 -7.47 7.90 -7.29
C GLU A 70 -6.78 7.03 -8.33
N PRO A 71 -5.66 7.44 -8.94
CA PRO A 71 -4.98 6.54 -9.88
C PRO A 71 -4.55 5.23 -9.23
N LEU A 72 -4.07 5.28 -7.98
CA LEU A 72 -3.66 4.05 -7.30
C LEU A 72 -4.84 3.18 -6.93
N ILE A 73 -6.00 3.78 -6.63
CA ILE A 73 -7.22 3.01 -6.44
C ILE A 73 -7.61 2.32 -7.74
N LYS A 74 -7.39 2.99 -8.87
CA LYS A 74 -7.56 2.32 -10.15
C LYS A 74 -6.50 1.25 -10.35
N ALA A 75 -5.28 1.50 -9.89
CA ALA A 75 -4.23 0.50 -9.97
C ALA A 75 -4.54 -0.73 -9.13
N LEU A 76 -5.37 -0.58 -8.09
CA LEU A 76 -5.76 -1.74 -7.30
C LEU A 76 -6.48 -2.79 -8.12
N LYS A 77 -6.98 -2.43 -9.31
CA LYS A 77 -7.66 -3.37 -10.19
C LYS A 77 -6.73 -3.91 -11.28
N ASP A 78 -5.43 -3.70 -11.15
CA ASP A 78 -4.48 -4.14 -12.16
C ASP A 78 -4.46 -5.66 -12.27
N GLU A 79 -4.21 -6.15 -13.48
CA GLU A 79 -4.22 -7.59 -13.72
C GLU A 79 -3.08 -8.30 -12.99
N ASP A 80 -1.97 -7.60 -12.75
CA ASP A 80 -0.78 -8.24 -12.18
C ASP A 80 -0.79 -8.07 -10.67
N GLY A 81 -0.67 -9.20 -9.96
CA GLY A 81 -0.74 -9.17 -8.51
C GLY A 81 0.33 -8.28 -7.89
N ALA A 82 1.53 -8.27 -8.47
CA ALA A 82 2.59 -7.42 -7.93
C ALA A 82 2.18 -5.95 -7.98
N VAL A 83 1.47 -5.55 -9.04
CA VAL A 83 1.03 -4.17 -9.15
C VAL A 83 -0.01 -3.85 -8.08
N ARG A 84 -0.95 -4.78 -7.85
CA ARG A 84 -1.97 -4.55 -6.83
C ARG A 84 -1.35 -4.48 -5.44
N VAL A 85 -0.28 -5.24 -5.20
CA VAL A 85 0.43 -5.14 -3.92
C VAL A 85 0.97 -3.73 -3.73
N SER A 86 1.73 -3.24 -4.70
CA SER A 86 2.33 -1.91 -4.58
C SER A 86 1.27 -0.83 -4.46
N ALA A 87 0.20 -0.93 -5.25
CA ALA A 87 -0.88 0.04 -5.14
C ALA A 87 -1.46 0.05 -3.74
N ALA A 88 -1.70 -1.12 -3.17
CA ALA A 88 -2.27 -1.21 -1.83
C ALA A 88 -1.34 -0.59 -0.80
N VAL A 89 -0.07 -1.01 -0.77
CA VAL A 89 0.88 -0.48 0.19
C VAL A 89 1.05 1.03 -0.02
N ALA A 90 1.19 1.45 -1.28
CA ALA A 90 1.35 2.88 -1.57
C ALA A 90 0.19 3.68 -1.01
N LEU A 91 -1.02 3.12 -1.07
CA LEU A 91 -2.17 3.83 -0.52
C LEU A 91 -2.11 3.87 1.01
N GLY A 92 -1.64 2.79 1.63
CA GLY A 92 -1.45 2.82 3.07
C GLY A 92 -0.45 3.87 3.50
N GLN A 93 0.69 3.93 2.82
CA GLN A 93 1.71 4.94 3.16
C GLN A 93 1.19 6.34 2.92
N ILE A 94 0.37 6.53 1.89
CA ILE A 94 -0.21 7.85 1.64
C ILE A 94 -1.22 8.22 2.72
N GLY A 95 -1.94 7.24 3.26
CA GLY A 95 -2.79 7.47 4.41
C GLY A 95 -4.08 8.20 4.16
N ASP A 96 -4.47 8.38 2.90
CA ASP A 96 -5.71 9.07 2.59
C ASP A 96 -6.90 8.19 2.88
N GLU A 97 -7.91 8.74 3.57
CA GLU A 97 -9.07 7.95 3.97
C GLU A 97 -9.86 7.43 2.77
N ARG A 98 -9.78 8.11 1.62
CA ARG A 98 -10.51 7.66 0.44
C ARG A 98 -10.18 6.23 0.04
N ALA A 99 -9.01 5.73 0.42
CA ALA A 99 -8.56 4.40 0.02
C ALA A 99 -9.12 3.29 0.89
N VAL A 100 -9.90 3.60 1.91
CA VAL A 100 -10.33 2.58 2.87
C VAL A 100 -11.26 1.56 2.21
N GLU A 101 -12.36 2.04 1.63
CA GLU A 101 -13.32 1.11 1.05
C GLU A 101 -12.72 0.32 -0.11
N PRO A 102 -11.96 0.91 -1.03
CA PRO A 102 -11.29 0.08 -2.03
C PRO A 102 -10.31 -0.91 -1.43
N LEU A 103 -9.66 -0.56 -0.31
CA LEU A 103 -8.73 -1.48 0.33
C LEU A 103 -9.48 -2.61 1.02
N ILE A 104 -10.61 -2.30 1.67
CA ILE A 104 -11.43 -3.35 2.28
C ILE A 104 -11.86 -4.36 1.23
N LYS A 105 -12.22 -3.88 0.03
CA LYS A 105 -12.53 -4.80 -1.06
C LYS A 105 -11.30 -5.60 -1.46
N ALA A 106 -10.14 -4.95 -1.53
CA ALA A 106 -8.90 -5.67 -1.83
C ALA A 106 -8.59 -6.72 -0.79
N LEU A 107 -9.15 -6.60 0.42
CA LEU A 107 -8.89 -7.57 1.47
C LEU A 107 -9.47 -8.95 1.15
N LYS A 108 -10.35 -9.04 0.15
CA LYS A 108 -10.85 -10.33 -0.32
C LYS A 108 -10.30 -10.68 -1.70
N ASP A 109 -9.22 -10.01 -2.12
CA ASP A 109 -8.58 -10.36 -3.38
C ASP A 109 -8.17 -11.82 -3.38
N GLU A 110 -8.32 -12.47 -4.53
CA GLU A 110 -7.98 -13.90 -4.63
C GLU A 110 -6.51 -14.14 -4.30
N ASP A 111 -5.65 -13.17 -4.61
CA ASP A 111 -4.21 -13.33 -4.38
C ASP A 111 -3.90 -13.04 -2.91
N ALA A 112 -3.41 -14.05 -2.19
CA ALA A 112 -3.12 -13.88 -0.77
C ALA A 112 -2.09 -12.79 -0.53
N VAL A 113 -1.13 -12.62 -1.45
CA VAL A 113 -0.16 -11.55 -1.29
C VAL A 113 -0.87 -10.20 -1.29
N VAL A 114 -1.83 -10.03 -2.19
CA VAL A 114 -2.62 -8.80 -2.22
C VAL A 114 -3.38 -8.63 -0.91
N ARG A 115 -3.97 -9.71 -0.41
CA ARG A 115 -4.68 -9.64 0.87
C ARG A 115 -3.74 -9.20 1.98
N VAL A 116 -2.55 -9.80 2.05
CA VAL A 116 -1.54 -9.34 3.00
C VAL A 116 -1.29 -7.85 2.82
N ALA A 117 -1.02 -7.43 1.59
CA ALA A 117 -0.77 -6.02 1.32
C ALA A 117 -1.96 -5.16 1.71
N ALA A 118 -3.17 -5.61 1.41
CA ALA A 118 -4.35 -4.85 1.77
C ALA A 118 -4.48 -4.71 3.28
N ALA A 119 -4.17 -5.78 4.02
CA ALA A 119 -4.28 -5.74 5.48
C ALA A 119 -3.35 -4.69 6.06
N ILE A 120 -2.10 -4.66 5.60
CA ILE A 120 -1.12 -3.73 6.16
C ILE A 120 -1.50 -2.29 5.82
N ALA A 121 -1.93 -2.04 4.58
CA ALA A 121 -2.27 -0.68 4.18
C ALA A 121 -3.37 -0.11 5.07
N LEU A 122 -4.36 -0.93 5.42
CA LEU A 122 -5.42 -0.46 6.31
C LEU A 122 -4.87 -0.11 7.69
N GLY A 123 -3.91 -0.90 8.18
CA GLY A 123 -3.28 -0.58 9.45
C GLY A 123 -2.58 0.77 9.42
N LEU A 124 -1.92 1.09 8.31
CA LEU A 124 -1.24 2.37 8.18
C LEU A 124 -2.24 3.52 8.16
N ILE A 125 -3.36 3.35 7.45
CA ILE A 125 -4.36 4.41 7.38
C ILE A 125 -4.97 4.68 8.75
N GLY A 126 -5.26 3.62 9.50
CA GLY A 126 -5.79 3.77 10.85
C GLY A 126 -7.27 4.03 10.94
N ASP A 127 -8.01 3.94 9.83
CA ASP A 127 -9.44 4.19 9.84
C ASP A 127 -10.17 3.05 10.54
N GLU A 128 -11.03 3.41 11.50
CA GLU A 128 -11.71 2.40 12.30
C GLU A 128 -12.67 1.53 11.49
N ARG A 129 -13.03 1.96 10.28
CA ARG A 129 -13.89 1.14 9.44
C ARG A 129 -13.26 -0.19 9.08
N ALA A 130 -11.95 -0.33 9.26
CA ALA A 130 -11.22 -1.55 8.89
C ALA A 130 -11.17 -2.59 9.99
N VAL A 131 -11.67 -2.28 11.19
CA VAL A 131 -11.56 -3.22 12.30
C VAL A 131 -12.31 -4.50 11.99
N GLU A 132 -13.61 -4.40 11.72
CA GLU A 132 -14.42 -5.59 11.44
C GLU A 132 -13.84 -6.44 10.33
N PRO A 133 -13.58 -5.89 9.13
CA PRO A 133 -12.96 -6.74 8.08
C PRO A 133 -11.65 -7.36 8.52
N LEU A 134 -10.81 -6.61 9.26
CA LEU A 134 -9.52 -7.15 9.69
C LEU A 134 -9.69 -8.32 10.64
N ILE A 135 -10.75 -8.32 11.47
CA ILE A 135 -10.98 -9.44 12.38
C ILE A 135 -11.39 -10.68 11.59
N LYS A 136 -12.22 -10.50 10.57
CA LYS A 136 -12.54 -11.62 9.69
C LYS A 136 -11.30 -12.15 8.99
N ALA A 137 -10.36 -11.27 8.67
CA ALA A 137 -9.12 -11.70 8.04
C ALA A 137 -8.24 -12.49 8.99
N LEU A 138 -8.42 -12.33 10.31
CA LEU A 138 -7.71 -13.19 11.25
C LEU A 138 -8.07 -14.65 11.09
N LYS A 139 -9.17 -14.95 10.41
CA LYS A 139 -9.57 -16.31 10.09
C LYS A 139 -9.12 -16.75 8.70
N ASP A 140 -8.27 -15.97 8.04
CA ASP A 140 -7.87 -16.28 6.67
C ASP A 140 -7.18 -17.63 6.62
N GLU A 141 -7.42 -18.35 5.52
CA GLU A 141 -6.79 -19.65 5.31
C GLU A 141 -5.28 -19.54 5.13
N LYS A 142 -4.76 -18.37 4.79
CA LYS A 142 -3.33 -18.16 4.62
C LYS A 142 -2.77 -17.54 5.89
N GLY A 143 -1.78 -18.21 6.48
CA GLY A 143 -1.23 -17.73 7.75
C GLY A 143 -0.72 -16.30 7.66
N LYS A 144 0.03 -15.99 6.60
CA LYS A 144 0.63 -14.67 6.48
C LYS A 144 -0.43 -13.57 6.40
N VAL A 145 -1.61 -13.88 5.87
CA VAL A 145 -2.70 -12.92 5.86
C VAL A 145 -3.16 -12.62 7.29
N ARG A 146 -3.26 -13.66 8.12
CA ARG A 146 -3.66 -13.46 9.51
C ARG A 146 -2.65 -12.58 10.24
N GLU A 147 -1.36 -12.94 10.17
CA GLU A 147 -0.32 -12.16 10.81
C GLU A 147 -0.41 -10.69 10.40
N ALA A 148 -0.66 -10.43 9.12
CA ALA A 148 -0.80 -9.05 8.65
C ALA A 148 -2.00 -8.38 9.28
N ALA A 149 -3.12 -9.10 9.41
CA ALA A 149 -4.31 -8.52 10.00
C ALA A 149 -4.09 -8.19 11.47
N ALA A 150 -3.35 -9.03 12.19
CA ALA A 150 -3.06 -8.76 13.59
C ALA A 150 -2.22 -7.50 13.73
N LEU A 151 -1.11 -7.41 12.98
CA LEU A 151 -0.27 -6.23 13.03
C LEU A 151 -1.06 -4.98 12.66
N ALA A 152 -1.93 -5.07 11.65
CA ALA A 152 -2.72 -3.92 11.25
C ALA A 152 -3.66 -3.49 12.37
N LEU A 153 -4.31 -4.45 13.04
CA LEU A 153 -5.17 -4.11 14.16
C LEU A 153 -4.40 -3.41 15.26
N GLY A 154 -3.18 -3.87 15.55
CA GLY A 154 -2.37 -3.21 16.56
C GLY A 154 -2.00 -1.79 16.16
N ALA A 155 -1.78 -1.56 14.87
CA ALA A 155 -1.41 -0.22 14.40
C ALA A 155 -2.58 0.75 14.55
N ILE A 156 -3.80 0.30 14.25
CA ILE A 156 -4.97 1.15 14.44
C ILE A 156 -5.12 1.52 15.91
N GLY A 157 -5.12 0.51 16.79
CA GLY A 157 -5.41 0.77 18.18
C GLY A 157 -6.79 1.36 18.35
N GLY A 158 -6.95 2.18 19.38
CA GLY A 158 -8.20 2.86 19.62
C GLY A 158 -9.12 2.07 20.54
N GLU A 159 -10.07 2.82 21.14
CA GLU A 159 -11.01 2.20 22.07
C GLU A 159 -11.80 1.09 21.40
N ARG A 160 -12.20 1.30 20.14
CA ARG A 160 -12.96 0.27 19.44
C ARG A 160 -12.13 -1.01 19.27
N VAL A 161 -10.85 -0.86 18.93
CA VAL A 161 -9.98 -2.03 18.84
C VAL A 161 -9.82 -2.66 20.22
N ARG A 162 -9.66 -1.83 21.25
CA ARG A 162 -9.61 -2.35 22.62
C ARG A 162 -10.89 -3.11 22.95
N ALA A 163 -12.04 -2.60 22.51
CA ALA A 163 -13.31 -3.30 22.73
C ALA A 163 -13.26 -4.69 22.10
N ALA A 164 -12.97 -4.75 20.80
CA ALA A 164 -12.91 -6.04 20.12
C ALA A 164 -11.82 -6.92 20.70
N MET A 165 -10.67 -6.34 21.02
CA MET A 165 -9.55 -7.09 21.57
C MET A 165 -9.94 -7.75 22.89
N PHE A 175 -4.71 -18.33 17.62
CA PHE A 175 -4.25 -17.24 16.76
C PHE A 175 -4.87 -15.92 17.21
N ALA A 176 -6.19 -15.80 17.02
CA ALA A 176 -6.88 -14.58 17.43
C ALA A 176 -6.77 -14.36 18.93
N ARG A 177 -6.84 -15.43 19.72
CA ARG A 177 -6.71 -15.31 21.16
C ARG A 177 -5.33 -14.76 21.54
N LYS A 178 -4.28 -15.34 20.97
CA LYS A 178 -2.93 -14.88 21.29
C LYS A 178 -2.68 -13.46 20.82
N VAL A 179 -3.37 -13.02 19.77
CA VAL A 179 -3.18 -11.67 19.27
C VAL A 179 -3.73 -10.65 20.25
N ALA A 180 -4.97 -10.85 20.71
CA ALA A 180 -5.58 -9.91 21.65
C ALA A 180 -4.87 -9.93 22.99
N VAL A 181 -4.51 -11.12 23.49
CA VAL A 181 -3.79 -11.22 24.76
C VAL A 181 -2.54 -10.35 24.72
N ASN A 182 -1.66 -10.64 23.76
CA ASN A 182 -0.49 -9.79 23.57
C ASN A 182 -0.89 -8.34 23.31
N TYR A 183 -2.00 -8.13 22.60
CA TYR A 183 -2.48 -6.77 22.36
C TYR A 183 -2.93 -6.10 23.66
N LEU A 184 -3.69 -6.82 24.48
CA LEU A 184 -4.15 -6.27 25.74
C LEU A 184 -2.97 -6.03 26.69
N GLU A 185 -2.11 -7.03 26.84
CA GLU A 185 -0.88 -6.84 27.62
C GLU A 185 -0.05 -5.72 27.02
N THR A 186 0.04 -5.66 25.69
CA THR A 186 0.67 -4.53 25.03
C THR A 186 -0.05 -3.23 25.38
N HIS A 187 -1.38 -3.25 25.34
CA HIS A 187 -2.15 -2.04 25.61
C HIS A 187 -1.85 -1.49 26.99
N LYS A 188 -1.86 -2.36 28.00
CA LYS A 188 -1.61 -1.91 29.37
C LYS A 188 -0.20 -1.33 29.52
N LEU A 189 0.79 -2.00 28.94
CA LEU A 189 2.17 -1.53 29.03
C LEU A 189 2.37 -0.27 28.21
#